data_6KZ5
#
_entry.id   6KZ5
#
_cell.length_a   74.589
_cell.length_b   76.099
_cell.length_c   127.736
_cell.angle_alpha   90.000
_cell.angle_beta   90.000
_cell.angle_gamma   90.000
#
_symmetry.space_group_name_H-M   'P 21 21 21'
#
loop_
_entity.id
_entity.type
_entity.pdbx_description
1 polymer 'Nuclear receptor subfamily 4 group A member 1'
2 non-polymer 'ethyl 2-[2-octanoyl-3,5-bis(oxidanyl)phenyl]ethanoate'
#
_entity_poly.entity_id   1
_entity_poly.type   'polypeptide(L)'
_entity_poly.pdbx_seq_one_letter_code
;MSKPKQPPDASPANLLTSLVRAHLDSGPSTAKLDYSKFQELVLPHFGKEDAGDVQQFYDLLSGSLEVIRKWAEKIPGFAE
LSPADQDLLLESAFLELFILRLAYRSKPGEGKLIFCSGLVLHRLQCARGFGDWIDSILAFSRSLHSLLVDVPAFACLSAL
VLITDRHGLQEPRRVEELQNRIASCLKEHVAAVAGEPQPASCLSRLLGKLPELRTLCTQGLQRIFYLKLEDLVPPPPIID
KIFMDTLPFLEHHHHHH
;
_entity_poly.pdbx_strand_id   A,B
#
loop_
_chem_comp.id
_chem_comp.type
_chem_comp.name
_chem_comp.formula
E4L non-polymer 'ethyl 2-[2-octanoyl-3,5-bis(oxidanyl)phenyl]ethanoate' 'C18 H26 O5'
#
# COMPACT_ATOMS: atom_id res chain seq x y z
N PRO A 12 -4.70 -37.87 26.27
CA PRO A 12 -3.86 -38.63 25.33
C PRO A 12 -2.94 -37.69 24.54
N ALA A 13 -1.73 -37.44 25.05
CA ALA A 13 -0.94 -36.25 24.67
C ALA A 13 -1.82 -35.02 24.95
N ASN A 14 -2.31 -34.94 26.18
CA ASN A 14 -3.54 -34.19 26.52
C ASN A 14 -3.40 -32.70 26.20
N LEU A 15 -2.18 -32.20 26.03
CA LEU A 15 -2.01 -30.81 25.54
C LEU A 15 -2.58 -30.72 24.13
N LEU A 16 -2.24 -31.68 23.26
CA LEU A 16 -2.77 -31.71 21.89
C LEU A 16 -4.27 -31.96 21.90
N THR A 17 -4.76 -32.82 22.81
CA THR A 17 -6.20 -33.10 22.94
C THR A 17 -6.93 -31.87 23.45
N SER A 18 -6.37 -31.18 24.44
CA SER A 18 -6.95 -29.94 25.00
C SER A 18 -6.72 -28.75 24.08
N LEU A 19 -5.77 -28.86 23.14
CA LEU A 19 -5.43 -27.74 22.23
C LEU A 19 -6.36 -27.76 21.02
N VAL A 20 -6.35 -28.87 20.27
CA VAL A 20 -7.16 -28.98 19.04
C VAL A 20 -8.62 -28.66 19.35
N ARG A 21 -9.08 -28.95 20.56
CA ARG A 21 -10.43 -28.57 21.03
C ARG A 21 -10.65 -27.07 20.76
N ALA A 22 -9.71 -26.23 21.20
CA ALA A 22 -9.79 -24.77 20.98
C ALA A 22 -9.89 -24.47 19.48
N HIS A 23 -9.09 -25.16 18.67
CA HIS A 23 -9.05 -24.95 17.21
C HIS A 23 -10.44 -25.21 16.60
N LEU A 24 -10.91 -26.45 16.69
CA LEU A 24 -12.17 -26.88 16.05
C LEU A 24 -13.32 -26.02 16.57
N ASP A 25 -13.33 -25.75 17.88
CA ASP A 25 -14.35 -24.90 18.53
C ASP A 25 -14.19 -23.43 18.12
N SER A 26 -13.13 -23.09 17.38
CA SER A 26 -12.93 -21.74 16.82
C SER A 26 -13.07 -21.75 15.30
N GLY A 27 -13.33 -22.91 14.70
CA GLY A 27 -13.50 -23.05 13.25
C GLY A 27 -14.91 -23.53 12.90
N PRO A 28 -15.22 -23.60 11.59
CA PRO A 28 -16.54 -24.03 11.15
C PRO A 28 -16.64 -25.56 11.01
N SER A 29 -17.86 -26.06 11.17
CA SER A 29 -18.18 -27.50 11.04
C SER A 29 -19.11 -27.67 9.84
N THR A 30 -18.56 -28.20 8.74
CA THR A 30 -19.23 -28.47 7.44
C THR A 30 -20.72 -28.11 7.43
N ALA A 31 -21.51 -28.76 8.29
CA ALA A 31 -22.98 -28.68 8.24
C ALA A 31 -23.46 -27.25 8.50
N LYS A 32 -22.80 -26.53 9.39
CA LYS A 32 -23.24 -25.16 9.81
C LYS A 32 -22.37 -24.08 9.15
N LEU A 33 -22.03 -24.26 7.88
CA LEU A 33 -21.51 -23.14 7.05
C LEU A 33 -22.68 -22.22 6.72
N ASP A 34 -22.41 -21.18 5.91
CA ASP A 34 -23.42 -20.17 5.55
C ASP A 34 -23.39 -19.95 4.04
N TYR A 35 -24.41 -20.45 3.33
CA TYR A 35 -24.56 -20.30 1.88
C TYR A 35 -25.55 -19.20 1.52
N SER A 36 -26.13 -18.52 2.51
CA SER A 36 -27.21 -17.53 2.29
C SER A 36 -26.71 -16.25 1.62
N LYS A 37 -25.43 -16.17 1.22
CA LYS A 37 -24.89 -14.97 0.53
C LYS A 37 -24.02 -15.32 -0.67
N PHE A 38 -23.84 -16.60 -0.98
CA PHE A 38 -22.81 -17.04 -1.93
C PHE A 38 -23.29 -16.89 -3.37
N GLN A 39 -22.44 -16.30 -4.21
CA GLN A 39 -22.65 -16.17 -5.67
C GLN A 39 -21.34 -16.54 -6.35
N GLU A 40 -21.23 -17.76 -6.87
CA GLU A 40 -20.01 -18.22 -7.55
C GLU A 40 -19.68 -17.35 -8.76
N LEU A 41 -20.57 -16.45 -9.13
CA LEU A 41 -20.35 -15.50 -10.24
C LEU A 41 -20.86 -14.14 -9.82
N VAL A 42 -20.14 -13.10 -10.21
CA VAL A 42 -20.56 -11.70 -9.95
C VAL A 42 -19.70 -10.78 -10.82
N LEU A 43 -20.30 -9.70 -11.33
CA LEU A 43 -19.60 -8.70 -12.16
C LEU A 43 -19.25 -7.48 -11.31
N PRO A 44 -18.09 -7.49 -10.62
CA PRO A 44 -17.67 -6.30 -9.88
C PRO A 44 -16.94 -5.35 -10.82
N HIS A 45 -17.36 -4.09 -10.83
CA HIS A 45 -16.70 -3.04 -11.64
C HIS A 45 -15.27 -2.88 -11.14
N PHE A 46 -14.34 -3.65 -11.72
CA PHE A 46 -12.96 -3.74 -11.23
C PHE A 46 -12.29 -2.37 -11.29
N GLY A 47 -11.44 -2.10 -10.29
CA GLY A 47 -10.72 -0.84 -10.14
C GLY A 47 -11.20 -0.04 -8.94
N LYS A 48 -12.48 -0.19 -8.58
CA LYS A 48 -13.08 0.55 -7.46
C LYS A 48 -14.00 -0.37 -6.66
N GLU A 49 -14.37 0.09 -5.47
CA GLU A 49 -15.12 -0.71 -4.48
C GLU A 49 -15.86 0.24 -3.55
N ASP A 50 -17.11 -0.07 -3.25
CA ASP A 50 -18.00 0.81 -2.46
C ASP A 50 -17.91 0.45 -0.98
N ALA A 51 -18.62 1.20 -0.14
CA ALA A 51 -18.51 1.12 1.33
C ALA A 51 -18.95 -0.25 1.84
N GLY A 52 -19.93 -0.87 1.20
CA GLY A 52 -20.39 -2.21 1.59
C GLY A 52 -19.26 -3.22 1.58
N ASP A 53 -18.51 -3.27 0.49
CA ASP A 53 -17.36 -4.19 0.35
C ASP A 53 -16.33 -3.91 1.45
N VAL A 54 -16.18 -2.63 1.81
CA VAL A 54 -15.14 -2.21 2.78
C VAL A 54 -15.61 -2.49 4.21
N GLN A 55 -16.80 -2.00 4.56
CA GLN A 55 -17.34 -2.22 5.92
C GLN A 55 -17.59 -3.72 6.15
N GLN A 56 -17.99 -4.44 5.11
CA GLN A 56 -18.15 -5.91 5.18
C GLN A 56 -16.78 -6.56 5.36
N PHE A 57 -15.77 -6.10 4.62
CA PHE A 57 -14.38 -6.55 4.81
C PHE A 57 -13.94 -6.24 6.24
N TYR A 58 -14.29 -5.06 6.75
CA TYR A 58 -13.90 -4.63 8.10
C TYR A 58 -14.62 -5.48 9.15
N ASP A 59 -15.88 -5.83 8.89
CA ASP A 59 -16.68 -6.67 9.80
C ASP A 59 -16.42 -8.15 9.55
N LEU A 60 -15.60 -8.50 8.56
CA LEU A 60 -15.02 -9.86 8.42
C LEU A 60 -13.64 -9.92 9.07
N LEU A 61 -13.10 -8.79 9.52
CA LEU A 61 -11.81 -8.73 10.25
C LEU A 61 -12.00 -8.34 11.72
N SER A 62 -13.02 -7.53 12.04
CA SER A 62 -13.36 -7.24 13.45
C SER A 62 -13.68 -8.55 14.18
N GLY A 63 -14.48 -9.41 13.53
CA GLY A 63 -14.84 -10.73 14.05
C GLY A 63 -13.72 -11.75 13.98
N SER A 64 -12.78 -11.58 13.05
CA SER A 64 -11.57 -12.42 12.97
C SER A 64 -10.73 -12.27 14.24
N LEU A 65 -10.89 -11.17 14.98
CA LEU A 65 -10.15 -10.92 16.24
C LEU A 65 -10.85 -11.60 17.41
N GLU A 66 -12.19 -11.56 17.45
CA GLU A 66 -12.96 -12.18 18.55
C GLU A 66 -12.87 -13.70 18.46
N VAL A 67 -12.82 -14.26 17.23
CA VAL A 67 -12.67 -15.72 17.04
C VAL A 67 -11.26 -16.14 17.44
N ILE A 68 -10.25 -15.44 16.95
CA ILE A 68 -8.85 -15.64 17.42
C ILE A 68 -8.77 -15.33 18.91
N ARG A 69 -9.64 -14.44 19.40
CA ARG A 69 -9.75 -14.19 20.85
C ARG A 69 -10.31 -15.44 21.53
N LYS A 70 -11.46 -15.92 21.08
CA LYS A 70 -12.12 -17.12 21.64
C LYS A 70 -11.45 -18.41 21.15
N TRP A 71 -10.28 -18.28 20.51
CA TRP A 71 -9.36 -19.41 20.26
C TRP A 71 -8.11 -19.29 21.12
N ALA A 72 -7.77 -18.09 21.59
CA ALA A 72 -6.53 -17.81 22.35
C ALA A 72 -6.72 -18.02 23.85
N GLU A 73 -7.96 -17.87 24.36
CA GLU A 73 -8.23 -18.15 25.79
C GLU A 73 -7.92 -19.62 26.08
N LYS A 74 -8.32 -20.52 25.19
CA LYS A 74 -8.16 -21.97 25.34
C LYS A 74 -6.72 -22.43 25.10
N ILE A 75 -5.75 -21.50 25.09
CA ILE A 75 -4.31 -21.83 25.03
C ILE A 75 -3.80 -21.91 26.46
N PRO A 76 -3.36 -23.09 26.93
CA PRO A 76 -2.86 -23.23 28.30
C PRO A 76 -1.79 -22.19 28.63
N GLY A 77 -1.92 -21.55 29.80
CA GLY A 77 -0.97 -20.54 30.27
C GLY A 77 -1.10 -19.20 29.58
N PHE A 78 -2.10 -19.03 28.70
CA PHE A 78 -2.28 -17.76 27.97
C PHE A 78 -3.24 -16.84 28.72
N ALA A 79 -4.37 -17.36 29.21
CA ALA A 79 -5.27 -16.58 30.07
C ALA A 79 -4.55 -16.15 31.35
N GLU A 80 -3.54 -16.92 31.76
CA GLU A 80 -2.72 -16.64 32.95
C GLU A 80 -1.50 -15.78 32.60
N LEU A 81 -1.58 -14.96 31.56
CA LEU A 81 -0.54 -13.98 31.19
C LEU A 81 -1.07 -12.57 31.46
N SER A 82 -0.20 -11.68 31.92
CA SER A 82 -0.58 -10.30 32.29
C SER A 82 -1.40 -9.70 31.15
N PRO A 83 -2.63 -9.21 31.42
CA PRO A 83 -3.52 -8.77 30.33
C PRO A 83 -2.85 -7.86 29.30
N ALA A 84 -1.82 -7.10 29.69
CA ALA A 84 -1.07 -6.27 28.74
C ALA A 84 -0.29 -7.15 27.77
N ASP A 85 0.15 -8.34 28.20
CA ASP A 85 0.89 -9.28 27.34
C ASP A 85 -0.05 -9.96 26.36
N GLN A 86 -1.18 -10.48 26.85
CA GLN A 86 -2.16 -11.21 26.01
C GLN A 86 -2.58 -10.35 24.82
N ASP A 87 -2.85 -9.07 25.06
CA ASP A 87 -3.28 -8.13 24.01
C ASP A 87 -2.17 -7.97 22.97
N LEU A 88 -0.91 -7.95 23.42
CA LEU A 88 0.24 -7.66 22.55
C LEU A 88 0.43 -8.76 21.50
N LEU A 89 0.39 -10.03 21.93
CA LEU A 89 0.62 -11.16 21.01
C LEU A 89 -0.56 -11.30 20.04
N LEU A 90 -1.79 -11.14 20.55
CA LEU A 90 -2.99 -11.20 19.68
C LEU A 90 -2.88 -10.15 18.57
N GLU A 91 -2.47 -8.93 18.91
CA GLU A 91 -2.38 -7.82 17.94
C GLU A 91 -1.22 -8.06 16.98
N SER A 92 -0.09 -8.54 17.48
CA SER A 92 1.15 -8.71 16.67
C SER A 92 0.98 -9.84 15.65
N ALA A 93 0.16 -10.85 15.95
CA ALA A 93 0.00 -12.03 15.09
C ALA A 93 -1.35 -12.02 14.35
N PHE A 94 -2.25 -11.11 14.70
CA PHE A 94 -3.65 -11.15 14.19
C PHE A 94 -3.66 -11.33 12.68
N LEU A 95 -2.95 -10.48 11.94
CA LEU A 95 -3.00 -10.51 10.47
C LEU A 95 -2.32 -11.77 9.93
N GLU A 96 -1.10 -12.06 10.41
CA GLU A 96 -0.39 -13.29 10.01
C GLU A 96 -1.24 -14.51 10.33
N LEU A 97 -2.01 -14.48 11.42
CA LEU A 97 -2.93 -15.59 11.79
C LEU A 97 -4.12 -15.62 10.82
N PHE A 98 -4.72 -14.46 10.53
CA PHE A 98 -5.94 -14.40 9.69
C PHE A 98 -5.67 -15.05 8.33
N ILE A 99 -4.54 -14.71 7.70
CA ILE A 99 -4.20 -15.22 6.35
C ILE A 99 -4.06 -16.74 6.42
N LEU A 100 -3.38 -17.25 7.45
CA LEU A 100 -3.07 -18.69 7.56
C LEU A 100 -4.37 -19.49 7.71
N ARG A 101 -5.14 -19.23 8.76
CA ARG A 101 -6.38 -19.98 9.05
C ARG A 101 -7.32 -19.94 7.84
N LEU A 102 -7.40 -18.78 7.18
CA LEU A 102 -8.24 -18.63 5.97
C LEU A 102 -7.77 -19.59 4.88
N ALA A 103 -6.45 -19.69 4.67
CA ALA A 103 -5.89 -20.46 3.55
C ALA A 103 -6.23 -21.95 3.70
N TYR A 104 -6.11 -22.50 4.89
CA TYR A 104 -6.27 -23.96 5.09
C TYR A 104 -7.74 -24.36 4.96
N ARG A 105 -8.64 -23.63 5.63
CA ARG A 105 -10.08 -23.95 5.56
C ARG A 105 -10.70 -23.45 4.26
N SER A 106 -10.01 -22.57 3.52
CA SER A 106 -10.50 -22.09 2.22
C SER A 106 -10.54 -23.26 1.23
N LYS A 107 -11.11 -22.98 0.06
CA LYS A 107 -11.14 -23.92 -1.09
C LYS A 107 -10.62 -23.19 -2.32
N PRO A 108 -9.33 -23.36 -2.66
CA PRO A 108 -8.76 -22.63 -3.81
C PRO A 108 -9.20 -23.24 -5.15
N GLY A 109 -9.40 -24.56 -5.18
CA GLY A 109 -9.84 -25.29 -6.37
C GLY A 109 -11.34 -25.23 -6.63
N GLU A 110 -12.09 -24.49 -5.80
CA GLU A 110 -13.54 -24.31 -5.97
C GLU A 110 -13.88 -22.85 -6.29
N GLY A 111 -13.12 -21.89 -5.76
CA GLY A 111 -13.43 -20.46 -5.84
C GLY A 111 -14.16 -19.95 -4.61
N LYS A 112 -13.88 -20.53 -3.44
CA LYS A 112 -14.65 -20.26 -2.20
C LYS A 112 -13.68 -19.94 -1.06
N LEU A 113 -13.87 -18.77 -0.46
CA LEU A 113 -13.20 -18.41 0.81
C LEU A 113 -14.18 -18.70 1.95
N ILE A 114 -13.84 -19.67 2.78
CA ILE A 114 -14.67 -20.08 3.93
C ILE A 114 -14.05 -19.47 5.18
N PHE A 115 -14.82 -18.63 5.87
CA PHE A 115 -14.32 -17.82 7.00
C PHE A 115 -14.57 -18.55 8.32
N CYS A 116 -14.04 -17.99 9.40
CA CYS A 116 -14.17 -18.57 10.76
C CYS A 116 -15.64 -18.62 11.17
N SER A 117 -16.47 -17.71 10.67
CA SER A 117 -17.92 -17.65 10.99
C SER A 117 -18.74 -18.46 9.99
N GLY A 118 -18.13 -19.48 9.36
CA GLY A 118 -18.83 -20.41 8.48
C GLY A 118 -19.34 -19.79 7.19
N LEU A 119 -19.08 -18.49 6.97
CA LEU A 119 -19.56 -17.79 5.76
C LEU A 119 -18.68 -18.19 4.57
N VAL A 120 -19.31 -18.29 3.40
CA VAL A 120 -18.62 -18.66 2.15
C VAL A 120 -18.97 -17.60 1.09
N LEU A 121 -17.95 -17.16 0.37
CA LEU A 121 -18.06 -16.18 -0.73
C LEU A 121 -17.29 -16.70 -1.93
N HIS A 122 -17.54 -16.10 -3.09
CA HIS A 122 -16.75 -16.39 -4.30
C HIS A 122 -15.69 -15.31 -4.48
N ARG A 123 -14.50 -15.73 -4.90
CA ARG A 123 -13.36 -14.84 -5.23
C ARG A 123 -13.84 -13.51 -5.81
N LEU A 124 -14.75 -13.56 -6.79
CA LEU A 124 -15.21 -12.35 -7.50
C LEU A 124 -16.02 -11.46 -6.57
N GLN A 125 -16.76 -12.05 -5.62
CA GLN A 125 -17.51 -11.28 -4.61
C GLN A 125 -16.54 -10.55 -3.69
N CYS A 126 -15.35 -11.12 -3.47
CA CYS A 126 -14.28 -10.48 -2.68
C CYS A 126 -13.48 -9.51 -3.55
N ALA A 127 -13.49 -9.70 -4.88
CA ALA A 127 -12.70 -8.90 -5.83
C ALA A 127 -12.80 -7.41 -5.48
N ARG A 128 -14.01 -6.87 -5.38
CA ARG A 128 -14.20 -5.44 -5.04
C ARG A 128 -13.83 -5.23 -3.57
N GLY A 129 -14.33 -6.08 -2.67
CA GLY A 129 -14.11 -5.89 -1.23
C GLY A 129 -12.67 -6.06 -0.83
N PHE A 130 -11.96 -7.00 -1.45
CA PHE A 130 -10.61 -7.42 -1.01
C PHE A 130 -9.52 -7.00 -1.99
N GLY A 131 -9.73 -7.18 -3.29
CA GLY A 131 -8.73 -6.79 -4.29
C GLY A 131 -7.77 -7.92 -4.62
N ASP A 132 -6.67 -7.57 -5.28
CA ASP A 132 -5.70 -8.53 -5.83
C ASP A 132 -5.08 -9.36 -4.71
N TRP A 133 -4.98 -8.79 -3.51
CA TRP A 133 -4.43 -9.47 -2.31
C TRP A 133 -4.98 -10.90 -2.18
N ILE A 134 -6.31 -11.04 -2.28
CA ILE A 134 -6.99 -12.33 -1.99
C ILE A 134 -6.53 -13.41 -2.96
N ASP A 135 -6.21 -13.04 -4.21
CA ASP A 135 -5.67 -14.00 -5.18
C ASP A 135 -4.41 -14.65 -4.63
N SER A 136 -3.52 -13.84 -4.03
CA SER A 136 -2.31 -14.35 -3.35
C SER A 136 -2.70 -15.33 -2.25
N ILE A 137 -3.72 -14.97 -1.44
CA ILE A 137 -4.26 -15.87 -0.40
C ILE A 137 -4.57 -17.22 -1.02
N LEU A 138 -5.44 -17.24 -2.02
CA LEU A 138 -5.79 -18.49 -2.73
C LEU A 138 -4.51 -19.19 -3.18
N ALA A 139 -3.61 -18.45 -3.83
CA ALA A 139 -2.33 -19.00 -4.30
C ALA A 139 -1.56 -19.64 -3.14
N PHE A 140 -1.74 -19.12 -1.93
CA PHE A 140 -1.03 -19.64 -0.74
C PHE A 140 -1.72 -20.89 -0.21
N SER A 141 -3.06 -20.92 -0.22
CA SER A 141 -3.82 -22.13 0.16
C SER A 141 -3.40 -23.30 -0.73
N ARG A 142 -3.25 -23.06 -2.03
CA ARG A 142 -2.80 -24.10 -2.97
C ARG A 142 -1.45 -24.65 -2.52
N SER A 143 -0.47 -23.76 -2.34
CA SER A 143 0.87 -24.13 -1.83
C SER A 143 0.74 -24.86 -0.51
N LEU A 144 -0.28 -24.53 0.29
CA LEU A 144 -0.52 -25.20 1.59
C LEU A 144 -1.05 -26.60 1.36
N HIS A 145 -2.15 -26.74 0.63
CA HIS A 145 -2.87 -28.04 0.52
C HIS A 145 -2.03 -29.09 -0.20
N SER A 146 -1.12 -28.67 -1.08
CA SER A 146 -0.23 -29.61 -1.78
C SER A 146 0.66 -30.36 -0.78
N LEU A 147 0.96 -29.72 0.35
CA LEU A 147 1.73 -30.36 1.44
C LEU A 147 0.83 -31.21 2.33
N LEU A 148 -0.46 -30.86 2.42
CA LEU A 148 -1.49 -31.66 3.12
C LEU A 148 -1.16 -31.77 4.60
N VAL A 149 -0.82 -30.66 5.24
CA VAL A 149 -0.45 -30.64 6.67
C VAL A 149 -1.65 -31.10 7.49
N ASP A 150 -1.41 -32.03 8.41
CA ASP A 150 -2.47 -32.70 9.18
C ASP A 150 -2.93 -31.78 10.31
N VAL A 151 -4.10 -32.11 10.88
CA VAL A 151 -4.83 -31.20 11.79
C VAL A 151 -3.99 -30.90 13.04
N PRO A 152 -3.49 -31.90 13.80
CA PRO A 152 -2.75 -31.59 15.03
C PRO A 152 -1.54 -30.68 14.80
N ALA A 153 -0.72 -30.98 13.79
CA ALA A 153 0.50 -30.18 13.52
C ALA A 153 0.12 -28.73 13.22
N PHE A 154 -0.96 -28.52 12.46
CA PHE A 154 -1.43 -27.16 12.11
C PHE A 154 -1.88 -26.42 13.36
N ALA A 155 -2.65 -27.08 14.24
CA ALA A 155 -3.12 -26.47 15.49
C ALA A 155 -1.93 -25.90 16.26
N CYS A 156 -0.78 -26.58 16.22
CA CYS A 156 0.44 -26.15 16.94
C CYS A 156 1.09 -24.97 16.24
N LEU A 157 1.08 -24.94 14.90
CA LEU A 157 1.76 -23.87 14.13
C LEU A 157 1.12 -22.52 14.42
N SER A 158 -0.20 -22.42 14.26
CA SER A 158 -0.94 -21.16 14.47
C SER A 158 -0.64 -20.59 15.85
N ALA A 159 -0.46 -21.45 16.85
CA ALA A 159 -0.11 -21.03 18.22
C ALA A 159 1.30 -20.43 18.23
N LEU A 160 2.27 -21.10 17.59
CA LEU A 160 3.67 -20.63 17.58
C LEU A 160 3.80 -19.33 16.78
N VAL A 161 2.88 -19.06 15.86
CA VAL A 161 2.81 -17.73 15.22
C VAL A 161 2.31 -16.72 16.24
N LEU A 162 1.42 -17.14 17.14
CA LEU A 162 0.89 -16.26 18.19
C LEU A 162 1.85 -16.23 19.39
N ILE A 163 2.20 -17.41 19.91
CA ILE A 163 3.10 -17.53 21.08
C ILE A 163 4.54 -17.44 20.62
N THR A 164 5.01 -16.23 20.33
CA THR A 164 6.38 -15.99 19.87
C THR A 164 6.88 -14.66 20.44
N ASP A 165 8.19 -14.45 20.36
CA ASP A 165 8.85 -13.27 20.94
C ASP A 165 8.50 -12.05 20.11
N ARG A 166 7.63 -11.20 20.64
CA ARG A 166 7.28 -9.90 20.01
C ARG A 166 7.92 -8.78 20.82
N HIS A 167 7.97 -7.59 20.23
CA HIS A 167 8.55 -6.40 20.86
C HIS A 167 7.55 -5.83 21.87
N GLY A 168 7.88 -5.88 23.16
CA GLY A 168 7.10 -5.21 24.20
C GLY A 168 6.77 -6.09 25.41
N LEU A 169 6.89 -7.40 25.26
CA LEU A 169 6.43 -8.37 26.29
C LEU A 169 6.87 -7.93 27.68
N GLN A 170 5.93 -8.02 28.64
CA GLN A 170 6.23 -7.77 30.06
C GLN A 170 7.02 -8.95 30.63
N GLU A 171 6.47 -10.16 30.51
CA GLU A 171 7.04 -11.39 31.07
C GLU A 171 7.54 -12.27 29.93
N PRO A 172 8.56 -11.82 29.16
CA PRO A 172 8.92 -12.51 27.93
C PRO A 172 9.44 -13.93 28.18
N ARG A 173 10.15 -14.15 29.30
CA ARG A 173 10.69 -15.48 29.63
C ARG A 173 9.55 -16.49 29.77
N ARG A 174 8.37 -16.04 30.23
CA ARG A 174 7.18 -16.91 30.30
C ARG A 174 6.74 -17.30 28.89
N VAL A 175 6.65 -16.33 27.97
CA VAL A 175 6.27 -16.58 26.57
C VAL A 175 7.27 -17.53 25.92
N GLU A 176 8.53 -17.46 26.35
CA GLU A 176 9.60 -18.33 25.80
C GLU A 176 9.48 -19.75 26.37
N GLU A 177 8.95 -19.88 27.59
CA GLU A 177 8.72 -21.22 28.19
C GLU A 177 7.49 -21.87 27.56
N LEU A 178 6.45 -21.09 27.23
CA LEU A 178 5.25 -21.63 26.55
C LEU A 178 5.59 -22.05 25.12
N GLN A 179 6.36 -21.22 24.41
CA GLN A 179 6.89 -21.58 23.08
C GLN A 179 7.46 -22.99 23.14
N ASN A 180 8.41 -23.21 24.04
CA ASN A 180 9.04 -24.54 24.22
C ASN A 180 7.98 -25.59 24.57
N ARG A 181 7.01 -25.22 25.39
CA ARG A 181 5.96 -26.17 25.82
C ARG A 181 5.09 -26.59 24.63
N ILE A 182 4.89 -25.71 23.66
CA ILE A 182 4.11 -26.05 22.45
C ILE A 182 4.95 -26.95 21.54
N ALA A 183 6.25 -26.67 21.42
CA ALA A 183 7.15 -27.41 20.52
C ALA A 183 7.30 -28.86 20.96
N SER A 184 7.34 -29.10 22.27
CA SER A 184 7.50 -30.47 22.82
C SER A 184 6.33 -31.35 22.39
N CYS A 185 5.11 -30.79 22.40
CA CYS A 185 3.90 -31.54 22.00
C CYS A 185 3.82 -31.71 20.49
N LEU A 186 4.47 -30.82 19.72
CA LEU A 186 4.57 -31.00 18.26
C LEU A 186 5.63 -32.05 17.95
N LYS A 187 6.79 -31.98 18.62
CA LYS A 187 7.87 -32.96 18.42
C LYS A 187 7.45 -34.34 18.95
N GLU A 188 6.59 -34.38 19.97
CA GLU A 188 6.02 -35.65 20.46
C GLU A 188 5.05 -36.23 19.43
N HIS A 189 4.42 -35.38 18.62
CA HIS A 189 3.41 -35.77 17.62
C HIS A 189 4.05 -36.16 16.29
N VAL A 190 5.06 -35.40 15.84
CA VAL A 190 5.79 -35.70 14.59
C VAL A 190 6.45 -37.08 14.68
N ALA A 191 6.67 -37.59 15.90
CA ALA A 191 7.23 -38.93 16.13
C ALA A 191 6.14 -40.00 16.19
N ALA A 192 4.91 -39.64 16.57
CA ALA A 192 3.77 -40.57 16.65
C ALA A 192 3.09 -40.73 15.29
N VAL A 193 3.52 -39.99 14.27
CA VAL A 193 2.94 -40.06 12.90
C VAL A 193 3.85 -40.92 12.02
N ALA A 194 5.13 -40.55 11.90
CA ALA A 194 6.12 -41.31 11.13
C ALA A 194 6.52 -42.61 11.85
N GLY A 195 6.05 -42.82 13.08
CA GLY A 195 6.35 -43.99 13.91
C GLY A 195 6.96 -45.16 13.15
N ALA A 200 9.87 -32.34 11.79
CA ALA A 200 11.29 -32.44 11.40
C ALA A 200 11.44 -32.20 9.89
N SER A 201 10.97 -33.15 9.09
CA SER A 201 11.03 -33.06 7.62
C SER A 201 9.94 -32.12 7.11
N CYS A 202 8.67 -32.48 7.31
CA CYS A 202 7.52 -31.66 6.87
C CYS A 202 7.64 -30.25 7.46
N LEU A 203 8.16 -30.13 8.68
CA LEU A 203 8.31 -28.82 9.34
C LEU A 203 9.19 -27.91 8.48
N SER A 204 10.23 -28.47 7.85
CA SER A 204 11.16 -27.68 7.01
C SER A 204 10.52 -27.31 5.68
N ARG A 205 9.88 -28.27 5.01
CA ARG A 205 9.15 -27.99 3.76
C ARG A 205 8.13 -26.88 3.98
N LEU A 206 7.48 -26.88 5.15
CA LEU A 206 6.43 -25.90 5.47
C LEU A 206 7.02 -24.50 5.57
N LEU A 207 8.08 -24.34 6.37
CA LEU A 207 8.74 -23.02 6.55
C LEU A 207 9.22 -22.46 5.21
N GLY A 208 9.43 -23.31 4.20
CA GLY A 208 9.91 -22.89 2.87
C GLY A 208 8.96 -21.97 2.16
N LYS A 209 7.75 -21.77 2.69
CA LYS A 209 6.74 -20.84 2.12
C LYS A 209 6.26 -19.84 3.17
N LEU A 210 6.95 -19.72 4.30
CA LEU A 210 6.68 -18.70 5.33
C LEU A 210 7.04 -17.30 4.83
N PRO A 211 8.02 -17.14 3.91
CA PRO A 211 8.17 -15.85 3.22
C PRO A 211 6.92 -15.47 2.43
N GLU A 212 6.32 -16.43 1.74
CA GLU A 212 5.04 -16.24 1.04
C GLU A 212 3.91 -15.94 2.04
N LEU A 213 4.17 -16.10 3.35
CA LEU A 213 3.20 -15.72 4.40
C LEU A 213 3.45 -14.28 4.86
N ARG A 214 4.69 -13.97 5.23
CA ARG A 214 5.08 -12.58 5.59
C ARG A 214 4.80 -11.63 4.41
N THR A 215 4.75 -12.15 3.19
CA THR A 215 4.42 -11.34 2.00
C THR A 215 2.94 -10.93 2.05
N LEU A 216 2.06 -11.89 2.30
CA LEU A 216 0.61 -11.60 2.41
C LEU A 216 0.37 -10.62 3.57
N CYS A 217 1.20 -10.68 4.61
CA CYS A 217 1.14 -9.70 5.71
C CYS A 217 1.38 -8.31 5.14
N THR A 218 2.54 -8.11 4.50
CA THR A 218 2.92 -6.80 3.94
C THR A 218 1.81 -6.30 3.00
N GLN A 219 1.35 -7.15 2.08
CA GLN A 219 0.27 -6.79 1.14
C GLN A 219 -0.98 -6.42 1.92
N GLY A 220 -1.30 -7.19 2.95
CA GLY A 220 -2.44 -6.93 3.83
C GLY A 220 -2.36 -5.53 4.42
N LEU A 221 -1.24 -5.21 5.05
CA LEU A 221 -1.01 -3.86 5.60
C LEU A 221 -1.24 -2.81 4.51
N GLN A 222 -0.67 -3.04 3.32
CA GLN A 222 -0.77 -2.08 2.21
C GLN A 222 -2.22 -1.94 1.75
N ARG A 223 -2.97 -3.05 1.73
CA ARG A 223 -4.40 -3.00 1.38
C ARG A 223 -5.14 -2.12 2.38
N ILE A 224 -4.94 -2.33 3.68
CA ILE A 224 -5.62 -1.54 4.73
C ILE A 224 -5.11 -0.11 4.69
N PHE A 225 -3.83 0.09 4.33
CA PHE A 225 -3.26 1.44 4.15
C PHE A 225 -4.07 2.19 3.10
N TYR A 226 -4.36 1.55 1.97
CA TYR A 226 -5.03 2.18 0.82
C TYR A 226 -6.47 2.55 1.19
N LEU A 227 -7.14 1.72 1.98
CA LEU A 227 -8.55 1.96 2.38
C LEU A 227 -8.64 2.89 3.59
N LYS A 228 -7.55 3.04 4.34
CA LYS A 228 -7.45 4.12 5.34
C LYS A 228 -7.22 5.46 4.64
N LEU A 229 -6.42 5.45 3.57
CA LEU A 229 -6.38 6.57 2.61
C LEU A 229 -7.79 6.87 2.12
N GLU A 230 -8.48 5.84 1.63
CA GLU A 230 -9.80 6.00 0.98
C GLU A 230 -10.84 6.46 2.00
N ASP A 231 -10.86 5.85 3.18
CA ASP A 231 -11.69 6.28 4.32
C ASP A 231 -13.16 6.46 3.88
N LEU A 232 -13.66 5.52 3.05
CA LEU A 232 -15.11 5.45 2.78
C LEU A 232 -15.82 5.27 4.11
N VAL A 233 -15.57 4.12 4.75
CA VAL A 233 -15.98 3.84 6.15
C VAL A 233 -14.72 3.92 7.01
N PRO A 234 -14.80 4.51 8.22
CA PRO A 234 -13.64 4.54 9.11
C PRO A 234 -13.43 3.15 9.70
N PRO A 235 -12.17 2.70 9.82
CA PRO A 235 -11.90 1.39 10.42
C PRO A 235 -12.37 1.34 11.86
N PRO A 236 -12.87 0.18 12.32
CA PRO A 236 -13.05 -0.05 13.76
C PRO A 236 -11.77 0.21 14.53
N PRO A 237 -11.84 0.89 15.69
CA PRO A 237 -10.62 1.32 16.39
C PRO A 237 -9.69 0.19 16.81
N ILE A 238 -10.23 -1.00 17.08
CA ILE A 238 -9.41 -2.16 17.53
C ILE A 238 -8.43 -2.55 16.41
N ILE A 239 -8.94 -2.72 15.19
CA ILE A 239 -8.08 -3.07 14.03
C ILE A 239 -7.14 -1.90 13.74
N ASP A 240 -7.68 -0.68 13.75
CA ASP A 240 -6.87 0.54 13.55
C ASP A 240 -5.68 0.52 14.52
N LYS A 241 -5.92 0.15 15.78
CA LYS A 241 -4.86 0.15 16.81
C LYS A 241 -3.82 -0.90 16.46
N ILE A 242 -4.26 -2.14 16.20
CA ILE A 242 -3.36 -3.20 15.70
C ILE A 242 -2.51 -2.63 14.57
N PHE A 243 -3.14 -2.00 13.59
CA PHE A 243 -2.46 -1.34 12.48
C PHE A 243 -1.43 -0.35 13.01
N MET A 244 -1.87 0.60 13.85
CA MET A 244 -1.02 1.69 14.34
C MET A 244 0.24 1.14 15.00
N ASP A 245 0.10 0.17 15.89
CA ASP A 245 1.22 -0.35 16.68
C ASP A 245 2.03 -1.38 15.89
N THR A 246 1.43 -1.99 14.87
CA THR A 246 2.16 -2.92 13.98
C THR A 246 3.13 -2.15 13.08
N LEU A 247 2.94 -0.84 12.93
CA LEU A 247 3.95 0.01 12.25
C LEU A 247 5.16 0.17 13.15
N PRO A 248 6.38 -0.05 12.65
CA PRO A 248 7.58 0.32 13.39
C PRO A 248 7.88 1.82 13.39
N PHE A 249 6.96 2.63 12.86
CA PHE A 249 7.09 4.10 12.80
C PHE A 249 5.75 4.76 13.12
N ALA B 13 -1.84 37.39 -20.65
CA ALA B 13 -0.98 38.60 -20.65
C ALA B 13 0.32 38.32 -19.90
N ASN B 14 0.65 39.16 -18.92
CA ASN B 14 1.89 39.02 -18.11
C ASN B 14 1.85 37.71 -17.32
N LEU B 15 0.67 37.24 -16.94
CA LEU B 15 0.54 35.97 -16.21
C LEU B 15 1.01 34.82 -17.09
N LEU B 16 0.49 34.73 -18.32
CA LEU B 16 0.88 33.66 -19.27
C LEU B 16 2.40 33.62 -19.42
N THR B 17 3.05 34.77 -19.47
CA THR B 17 4.50 34.86 -19.71
C THR B 17 5.28 34.59 -18.42
N SER B 18 4.81 35.12 -17.29
CA SER B 18 5.48 34.93 -15.98
C SER B 18 5.41 33.46 -15.54
N LEU B 19 4.46 32.69 -16.08
CA LEU B 19 4.32 31.25 -15.74
C LEU B 19 5.23 30.41 -16.63
N VAL B 20 5.32 30.76 -17.91
CA VAL B 20 6.25 30.07 -18.84
C VAL B 20 7.69 30.41 -18.46
N ARG B 21 7.93 31.60 -17.92
CA ARG B 21 9.27 31.98 -17.42
C ARG B 21 9.65 31.05 -16.26
N ALA B 22 8.85 31.03 -15.20
CA ALA B 22 9.11 30.18 -14.02
C ALA B 22 9.21 28.71 -14.43
N HIS B 23 8.40 28.28 -15.41
CA HIS B 23 8.34 26.86 -15.83
C HIS B 23 9.66 26.42 -16.47
N LEU B 24 10.03 27.03 -17.60
CA LEU B 24 11.25 26.66 -18.35
C LEU B 24 12.50 26.82 -17.47
N ASP B 25 12.43 27.65 -16.43
CA ASP B 25 13.53 27.82 -15.46
C ASP B 25 13.55 26.70 -14.43
N SER B 26 12.58 25.78 -14.48
CA SER B 26 12.48 24.64 -13.54
C SER B 26 12.78 23.30 -14.22
N GLY B 27 12.81 23.25 -15.56
CA GLY B 27 13.16 22.03 -16.28
C GLY B 27 14.39 22.22 -17.15
N PRO B 28 14.98 21.13 -17.66
CA PRO B 28 16.10 21.24 -18.59
C PRO B 28 15.63 21.45 -20.03
N SER B 29 16.25 22.40 -20.72
CA SER B 29 15.95 22.69 -22.14
C SER B 29 16.27 21.45 -22.98
N THR B 30 15.82 21.48 -24.24
CA THR B 30 16.15 20.42 -25.21
C THR B 30 17.66 20.19 -25.23
N ALA B 31 18.44 21.27 -25.07
CA ALA B 31 19.90 21.22 -25.22
C ALA B 31 20.57 20.72 -23.93
N LYS B 32 19.96 20.96 -22.77
CA LYS B 32 20.67 20.83 -21.47
C LYS B 32 20.37 19.49 -20.80
N LEU B 33 20.49 18.38 -21.53
CA LEU B 33 20.31 17.03 -20.97
C LEU B 33 21.66 16.45 -20.57
N ASP B 34 21.63 15.28 -19.93
CA ASP B 34 22.84 14.54 -19.51
C ASP B 34 22.50 13.06 -19.43
N TYR B 35 23.00 12.27 -20.39
CA TYR B 35 22.77 10.82 -20.45
C TYR B 35 23.88 10.05 -19.72
N SER B 36 24.61 10.71 -18.81
CA SER B 36 25.87 10.19 -18.23
C SER B 36 25.65 8.94 -17.35
N LYS B 37 24.45 8.35 -17.31
CA LYS B 37 24.25 7.04 -16.68
C LYS B 37 23.22 6.21 -17.45
N PHE B 38 22.86 6.60 -18.66
CA PHE B 38 21.79 5.95 -19.43
C PHE B 38 22.32 4.69 -20.11
N GLN B 39 21.75 3.55 -19.77
CA GLN B 39 21.94 2.27 -20.49
C GLN B 39 20.55 1.70 -20.77
N GLU B 40 20.20 1.58 -22.05
CA GLU B 40 18.91 0.96 -22.43
C GLU B 40 18.94 -0.56 -22.18
N LEU B 41 19.97 -1.05 -21.49
CA LEU B 41 20.07 -2.45 -21.03
C LEU B 41 20.17 -2.48 -19.51
N VAL B 42 19.52 -3.47 -18.90
CA VAL B 42 19.61 -3.74 -17.44
C VAL B 42 19.79 -5.24 -17.26
N LEU B 43 20.86 -5.64 -16.57
CA LEU B 43 21.19 -7.05 -16.33
C LEU B 43 20.08 -7.66 -15.48
N PRO B 44 20.05 -9.01 -15.32
CA PRO B 44 18.95 -9.67 -14.63
C PRO B 44 18.47 -8.93 -13.39
N HIS B 45 17.20 -8.51 -13.40
CA HIS B 45 16.54 -7.93 -12.21
C HIS B 45 16.52 -8.97 -11.11
N PHE B 46 17.68 -9.27 -10.53
CA PHE B 46 17.86 -10.35 -9.55
C PHE B 46 16.89 -10.15 -8.39
N GLY B 47 16.10 -11.17 -8.09
CA GLY B 47 15.12 -11.17 -7.00
C GLY B 47 14.09 -10.06 -7.16
N LYS B 48 14.29 -8.95 -6.45
CA LYS B 48 13.37 -7.79 -6.51
C LYS B 48 14.18 -6.49 -6.42
N GLU B 49 13.71 -5.55 -5.60
CA GLU B 49 14.39 -4.26 -5.39
C GLU B 49 15.42 -4.42 -4.26
N ASP B 50 16.64 -3.95 -4.51
CA ASP B 50 17.70 -3.90 -3.50
C ASP B 50 17.80 -2.47 -2.97
N ALA B 51 18.61 -2.28 -1.94
CA ALA B 51 18.82 -0.96 -1.32
C ALA B 51 19.31 0.05 -2.37
N GLY B 52 20.02 -0.43 -3.40
CA GLY B 52 20.50 0.44 -4.49
C GLY B 52 19.37 1.11 -5.24
N ASP B 53 18.25 0.41 -5.42
CA ASP B 53 17.06 0.96 -6.09
C ASP B 53 16.29 1.88 -5.15
N VAL B 54 16.29 1.56 -3.85
CA VAL B 54 15.49 2.33 -2.86
C VAL B 54 16.13 3.69 -2.65
N GLN B 55 17.45 3.74 -2.45
CA GLN B 55 18.15 5.01 -2.19
C GLN B 55 18.19 5.86 -3.45
N GLN B 56 18.27 5.24 -4.63
CA GLN B 56 18.16 5.96 -5.91
C GLN B 56 16.77 6.60 -6.01
N PHE B 57 15.74 5.84 -5.68
CA PHE B 57 14.34 6.34 -5.64
C PHE B 57 14.26 7.59 -4.76
N TYR B 58 14.91 7.58 -3.60
CA TYR B 58 14.86 8.70 -2.65
C TYR B 58 15.68 9.89 -3.15
N ASP B 59 16.75 9.63 -3.91
CA ASP B 59 17.61 10.70 -4.44
C ASP B 59 16.98 11.37 -5.66
N LEU B 60 16.04 10.70 -6.34
CA LEU B 60 15.35 11.29 -7.51
C LEU B 60 14.07 12.00 -7.09
N LEU B 61 13.47 11.62 -5.95
CA LEU B 61 12.42 12.44 -5.33
C LEU B 61 13.05 13.61 -4.57
N SER B 62 14.28 13.44 -4.09
CA SER B 62 15.05 14.55 -3.49
C SER B 62 15.42 15.58 -4.56
N GLY B 63 15.66 15.14 -5.79
CA GLY B 63 16.15 16.00 -6.86
C GLY B 63 15.07 16.83 -7.55
N SER B 64 13.95 17.07 -6.87
CA SER B 64 12.85 17.91 -7.41
C SER B 64 12.31 18.90 -6.39
N LEU B 65 12.79 18.88 -5.14
CA LEU B 65 12.29 19.78 -4.08
C LEU B 65 12.66 21.23 -4.43
N GLU B 66 13.96 21.51 -4.52
CA GLU B 66 14.45 22.87 -4.84
C GLU B 66 13.82 23.36 -6.14
N VAL B 67 13.68 22.48 -7.14
CA VAL B 67 13.20 22.88 -8.49
C VAL B 67 11.76 23.34 -8.42
N ILE B 68 10.88 22.55 -7.79
CA ILE B 68 9.44 22.89 -7.68
C ILE B 68 9.27 24.11 -6.77
N ARG B 69 10.22 24.36 -5.86
CA ARG B 69 10.12 25.51 -4.93
C ARG B 69 10.32 26.81 -5.72
N LYS B 70 11.50 27.01 -6.31
CA LYS B 70 11.78 28.24 -7.10
C LYS B 70 10.72 28.40 -8.19
N TRP B 71 10.25 27.30 -8.77
CA TRP B 71 9.17 27.35 -9.77
C TRP B 71 7.91 27.94 -9.13
N ALA B 72 7.67 27.68 -7.86
CA ALA B 72 6.47 28.18 -7.16
C ALA B 72 6.59 29.68 -6.89
N GLU B 73 7.76 30.13 -6.45
CA GLU B 73 7.95 31.53 -6.00
C GLU B 73 8.00 32.50 -7.18
N LYS B 74 8.50 32.05 -8.32
CA LYS B 74 8.56 32.87 -9.55
C LYS B 74 7.22 32.89 -10.28
N ILE B 75 6.15 32.47 -9.61
CA ILE B 75 4.77 32.58 -10.14
C ILE B 75 4.13 33.81 -9.53
N PRO B 76 3.34 34.57 -10.30
CA PRO B 76 2.75 35.82 -9.80
C PRO B 76 1.98 35.59 -8.50
N GLY B 77 2.47 36.22 -7.43
CA GLY B 77 1.73 36.35 -6.17
C GLY B 77 1.80 35.12 -5.29
N PHE B 78 2.74 34.19 -5.55
CA PHE B 78 2.89 33.03 -4.67
C PHE B 78 3.61 33.44 -3.37
N ALA B 79 4.69 34.21 -3.50
CA ALA B 79 5.46 34.68 -2.33
C ALA B 79 4.59 35.58 -1.45
N GLU B 80 3.63 36.29 -2.03
CA GLU B 80 2.73 37.19 -1.30
C GLU B 80 1.71 36.42 -0.44
N LEU B 81 1.85 35.08 -0.34
CA LEU B 81 1.01 34.28 0.56
C LEU B 81 1.78 33.97 1.84
N SER B 82 1.05 33.78 2.95
CA SER B 82 1.62 33.67 4.29
C SER B 82 2.69 32.57 4.33
N PRO B 83 3.66 32.68 5.26
CA PRO B 83 4.73 31.66 5.34
C PRO B 83 4.20 30.24 5.54
N ALA B 84 3.13 30.07 6.33
CA ALA B 84 2.58 28.74 6.62
C ALA B 84 1.78 28.21 5.43
N ASP B 85 1.07 29.09 4.71
CA ASP B 85 0.20 28.68 3.58
C ASP B 85 1.06 28.12 2.44
N GLN B 86 2.08 28.86 2.03
CA GLN B 86 2.99 28.43 0.95
C GLN B 86 3.55 27.04 1.28
N ASP B 87 3.86 26.79 2.55
CA ASP B 87 4.50 25.52 2.99
C ASP B 87 3.55 24.34 2.76
N LEU B 88 2.27 24.49 3.12
CA LEU B 88 1.31 23.37 3.06
C LEU B 88 0.93 23.06 1.61
N LEU B 89 0.65 24.10 0.81
CA LEU B 89 0.32 23.90 -0.62
C LEU B 89 1.46 23.18 -1.34
N LEU B 90 2.70 23.54 -1.01
CA LEU B 90 3.88 22.93 -1.66
C LEU B 90 4.08 21.50 -1.16
N GLU B 91 3.91 21.27 0.14
CA GLU B 91 4.08 19.93 0.74
C GLU B 91 3.05 18.97 0.17
N SER B 92 1.77 19.37 0.16
CA SER B 92 0.67 18.49 -0.25
C SER B 92 0.66 18.26 -1.77
N ALA B 93 1.28 19.16 -2.55
CA ALA B 93 1.24 19.10 -4.03
C ALA B 93 2.54 18.56 -4.62
N PHE B 94 3.60 18.40 -3.82
CA PHE B 94 4.92 18.01 -4.36
C PHE B 94 4.83 16.76 -5.23
N LEU B 95 4.29 15.66 -4.68
CA LEU B 95 4.26 14.38 -5.39
C LEU B 95 3.65 14.58 -6.77
N GLU B 96 2.45 15.15 -6.84
CA GLU B 96 1.72 15.33 -8.11
C GLU B 96 2.55 16.19 -9.07
N LEU B 97 3.07 17.33 -8.61
CA LEU B 97 3.89 18.23 -9.45
C LEU B 97 5.09 17.46 -10.00
N PHE B 98 5.88 16.85 -9.11
CA PHE B 98 7.00 15.97 -9.47
C PHE B 98 6.59 15.07 -10.64
N ILE B 99 5.50 14.32 -10.45
CA ILE B 99 4.96 13.37 -11.45
C ILE B 99 4.66 14.15 -12.73
N LEU B 100 3.67 15.04 -12.67
CA LEU B 100 3.19 15.81 -13.85
C LEU B 100 4.38 16.23 -14.71
N ARG B 101 5.30 17.01 -14.13
CA ARG B 101 6.42 17.59 -14.89
C ARG B 101 7.32 16.50 -15.45
N LEU B 102 7.42 15.36 -14.76
CA LEU B 102 8.25 14.23 -15.21
C LEU B 102 7.61 13.53 -16.42
N ALA B 103 6.32 13.25 -16.35
CA ALA B 103 5.61 12.54 -17.43
C ALA B 103 5.69 13.33 -18.73
N TYR B 104 5.27 14.60 -18.69
CA TYR B 104 5.27 15.49 -19.87
C TYR B 104 6.69 15.65 -20.43
N ARG B 105 7.70 15.59 -19.55
CA ARG B 105 9.11 15.82 -19.94
C ARG B 105 9.74 14.57 -20.52
N SER B 106 9.07 13.42 -20.45
CA SER B 106 9.67 12.09 -20.73
C SER B 106 9.43 11.69 -22.18
N LYS B 107 9.78 10.45 -22.52
CA LYS B 107 9.55 9.86 -23.86
C LYS B 107 9.04 8.44 -23.71
N PRO B 108 7.73 8.20 -23.90
CA PRO B 108 7.17 6.85 -23.81
C PRO B 108 7.09 6.07 -25.13
N GLY B 109 7.76 6.53 -26.18
CA GLY B 109 7.86 5.77 -27.43
C GLY B 109 9.02 4.81 -27.35
N GLU B 110 10.11 5.25 -26.72
CA GLU B 110 11.32 4.44 -26.48
C GLU B 110 11.42 4.01 -25.01
N GLY B 111 10.64 4.62 -24.11
CA GLY B 111 10.62 4.24 -22.69
C GLY B 111 11.58 5.07 -21.85
N LYS B 112 11.76 6.34 -22.22
CA LYS B 112 12.78 7.22 -21.60
C LYS B 112 12.13 8.14 -20.58
N LEU B 113 12.52 7.99 -19.31
CA LEU B 113 12.16 8.94 -18.25
C LEU B 113 13.25 10.00 -18.18
N ILE B 114 12.88 11.25 -18.45
CA ILE B 114 13.80 12.40 -18.41
C ILE B 114 13.43 13.26 -17.22
N PHE B 115 14.40 13.53 -16.34
CA PHE B 115 14.17 14.15 -15.03
C PHE B 115 14.52 15.64 -15.08
N CYS B 116 13.96 16.38 -14.13
CA CYS B 116 14.00 17.85 -14.14
C CYS B 116 15.43 18.36 -13.99
N SER B 117 16.35 17.55 -13.47
CA SER B 117 17.78 17.93 -13.38
C SER B 117 18.40 17.95 -14.78
N GLY B 118 18.09 16.95 -15.59
CA GLY B 118 18.66 16.82 -16.93
C GLY B 118 19.12 15.40 -17.22
N LEU B 119 19.08 14.54 -16.20
CA LEU B 119 19.50 13.12 -16.32
C LEU B 119 18.37 12.29 -16.92
N VAL B 120 18.75 11.27 -17.69
CA VAL B 120 17.80 10.39 -18.40
C VAL B 120 18.11 8.95 -18.01
N LEU B 121 17.06 8.19 -17.69
CA LEU B 121 17.14 6.76 -17.36
C LEU B 121 16.07 6.01 -18.15
N HIS B 122 16.33 4.74 -18.41
CA HIS B 122 15.36 3.85 -19.08
C HIS B 122 14.47 3.18 -18.04
N ARG B 123 13.22 2.93 -18.40
CA ARG B 123 12.18 2.49 -17.45
C ARG B 123 12.65 1.28 -16.65
N LEU B 124 13.52 0.44 -17.21
CA LEU B 124 13.97 -0.79 -16.53
C LEU B 124 14.92 -0.46 -15.38
N GLN B 125 15.71 0.61 -15.51
CA GLN B 125 16.60 1.03 -14.40
C GLN B 125 15.79 1.70 -13.29
N CYS B 126 14.53 2.04 -13.54
CA CYS B 126 13.61 2.57 -12.51
C CYS B 126 12.74 1.47 -11.91
N ALA B 127 12.33 0.49 -12.73
CA ALA B 127 11.39 -0.58 -12.35
C ALA B 127 11.61 -1.01 -10.91
N ARG B 128 12.81 -1.48 -10.58
CA ARG B 128 13.09 -2.02 -9.23
C ARG B 128 13.00 -0.90 -8.18
N GLY B 129 13.22 0.35 -8.60
CA GLY B 129 13.22 1.49 -7.67
C GLY B 129 11.82 1.97 -7.32
N PHE B 130 10.90 1.96 -8.29
CA PHE B 130 9.60 2.64 -8.16
C PHE B 130 8.44 1.67 -8.01
N GLY B 131 8.50 0.50 -8.63
CA GLY B 131 7.40 -0.47 -8.59
C GLY B 131 6.37 -0.20 -9.67
N ASP B 132 5.25 -0.90 -9.58
CA ASP B 132 4.17 -0.88 -10.59
C ASP B 132 3.83 0.57 -10.99
N TRP B 133 3.83 1.47 -10.00
CA TRP B 133 3.58 2.91 -10.18
C TRP B 133 4.02 3.43 -11.55
N ILE B 134 5.25 3.12 -11.96
CA ILE B 134 5.90 3.78 -13.12
C ILE B 134 5.08 3.57 -14.38
N ASP B 135 4.48 2.40 -14.55
CA ASP B 135 3.67 2.10 -15.76
C ASP B 135 2.48 3.04 -15.84
N SER B 136 1.71 3.14 -14.76
CA SER B 136 0.63 4.14 -14.65
C SER B 136 1.16 5.53 -14.95
N ILE B 137 2.45 5.76 -14.70
CA ILE B 137 3.14 7.02 -15.10
C ILE B 137 3.27 7.06 -16.63
N LEU B 138 3.78 5.99 -17.23
CA LEU B 138 3.87 5.90 -18.70
C LEU B 138 2.47 5.97 -19.32
N ALA B 139 1.50 5.26 -18.73
CA ALA B 139 0.12 5.22 -19.25
C ALA B 139 -0.47 6.63 -19.26
N PHE B 140 -0.27 7.38 -18.18
CA PHE B 140 -0.68 8.80 -18.13
C PHE B 140 0.17 9.63 -19.08
N SER B 141 1.45 9.28 -19.22
CA SER B 141 2.41 10.04 -20.06
C SER B 141 1.89 10.14 -21.49
N ARG B 142 1.78 9.01 -22.19
CA ARG B 142 1.27 8.99 -23.58
C ARG B 142 -0.11 9.65 -23.63
N SER B 143 -0.97 9.36 -22.64
CA SER B 143 -2.31 9.96 -22.56
C SER B 143 -2.21 11.49 -22.53
N LEU B 144 -1.13 12.03 -21.93
CA LEU B 144 -0.81 13.47 -22.04
C LEU B 144 -0.30 13.76 -23.45
N HIS B 145 0.65 12.97 -23.94
CA HIS B 145 1.31 13.24 -25.24
C HIS B 145 0.31 13.07 -26.39
N SER B 146 -0.74 12.28 -26.20
CA SER B 146 -1.82 12.19 -27.21
C SER B 146 -2.62 13.48 -27.23
N LEU B 147 -2.65 14.21 -26.11
CA LEU B 147 -3.28 15.54 -26.04
C LEU B 147 -2.31 16.63 -26.49
N LEU B 148 -1.01 16.36 -26.49
CA LEU B 148 0.02 17.23 -27.11
C LEU B 148 -0.01 18.62 -26.47
N VAL B 149 -0.20 18.68 -25.16
CA VAL B 149 -0.39 19.96 -24.45
C VAL B 149 0.77 20.89 -24.78
N ASP B 150 0.44 22.12 -25.19
CA ASP B 150 1.44 23.12 -25.57
C ASP B 150 2.13 23.67 -24.32
N VAL B 151 3.30 24.27 -24.50
CA VAL B 151 4.15 24.69 -23.36
C VAL B 151 3.43 25.74 -22.51
N PRO B 152 2.87 26.83 -23.08
CA PRO B 152 2.19 27.82 -22.23
C PRO B 152 1.07 27.21 -21.40
N ALA B 153 0.24 26.36 -22.00
CA ALA B 153 -0.86 25.68 -21.30
C ALA B 153 -0.31 24.78 -20.20
N PHE B 154 0.82 24.12 -20.46
CA PHE B 154 1.44 23.22 -19.46
C PHE B 154 2.06 24.02 -18.32
N ALA B 155 2.69 25.15 -18.64
CA ALA B 155 3.17 26.08 -17.60
C ALA B 155 2.00 26.50 -16.70
N CYS B 156 0.82 26.66 -17.29
CA CYS B 156 -0.41 27.03 -16.54
C CYS B 156 -0.93 25.84 -15.75
N LEU B 157 -0.98 24.65 -16.37
CA LEU B 157 -1.53 23.46 -15.71
C LEU B 157 -0.71 23.12 -14.46
N SER B 158 0.62 23.11 -14.60
CA SER B 158 1.53 22.86 -13.46
C SER B 158 1.14 23.75 -12.29
N ALA B 159 0.98 25.05 -12.54
CA ALA B 159 0.53 26.00 -11.51
C ALA B 159 -0.84 25.57 -10.97
N LEU B 160 -1.82 25.36 -11.86
CA LEU B 160 -3.19 25.04 -11.46
C LEU B 160 -3.21 23.89 -10.45
N VAL B 161 -2.38 22.87 -10.68
CA VAL B 161 -2.32 21.69 -9.79
C VAL B 161 -1.82 22.13 -8.41
N LEU B 162 -0.76 22.93 -8.38
CA LEU B 162 -0.21 23.43 -7.09
C LEU B 162 -1.21 24.38 -6.45
N ILE B 163 -1.69 25.37 -7.21
CA ILE B 163 -2.69 26.34 -6.72
C ILE B 163 -4.03 25.63 -6.60
N THR B 164 -4.19 24.89 -5.50
CA THR B 164 -5.46 24.20 -5.18
C THR B 164 -5.48 23.94 -3.68
N ASP B 165 -6.68 24.03 -3.09
CA ASP B 165 -6.84 24.06 -1.62
C ASP B 165 -6.28 22.78 -1.00
N ARG B 166 -5.54 22.95 0.10
CA ARG B 166 -5.18 21.87 1.04
C ARG B 166 -5.84 22.18 2.38
N HIS B 167 -6.33 21.13 3.05
CA HIS B 167 -7.20 21.27 4.22
C HIS B 167 -6.44 22.00 5.34
N GLY B 168 -6.84 23.24 5.63
CA GLY B 168 -6.27 24.01 6.73
C GLY B 168 -5.88 25.42 6.35
N LEU B 169 -6.06 25.80 5.08
CA LEU B 169 -5.58 27.10 4.56
C LEU B 169 -6.09 28.24 5.43
N GLN B 170 -5.23 29.24 5.64
CA GLN B 170 -5.60 30.48 6.35
C GLN B 170 -6.43 31.38 5.44
N GLU B 171 -5.96 31.56 4.20
CA GLU B 171 -6.63 32.41 3.19
C GLU B 171 -7.00 31.55 2.00
N PRO B 172 -7.98 30.63 2.14
CA PRO B 172 -8.41 29.82 1.00
C PRO B 172 -9.05 30.66 -0.11
N ARG B 173 -9.71 31.76 0.25
CA ARG B 173 -10.36 32.65 -0.74
C ARG B 173 -9.31 33.33 -1.61
N ARG B 174 -8.13 33.64 -1.06
CA ARG B 174 -7.05 34.32 -1.83
C ARG B 174 -6.37 33.34 -2.78
N VAL B 175 -6.21 32.08 -2.35
CA VAL B 175 -5.73 31.01 -3.24
C VAL B 175 -6.76 30.80 -4.36
N GLU B 176 -8.05 30.87 -4.00
CA GLU B 176 -9.14 30.68 -4.97
C GLU B 176 -9.13 31.81 -6.01
N GLU B 177 -8.85 33.04 -5.56
CA GLU B 177 -8.86 34.21 -6.46
C GLU B 177 -7.74 34.11 -7.49
N LEU B 178 -6.65 33.40 -7.17
CA LEU B 178 -5.53 33.25 -8.12
C LEU B 178 -5.80 32.11 -9.10
N GLN B 179 -6.41 31.02 -8.65
CA GLN B 179 -6.62 29.83 -9.52
C GLN B 179 -7.58 30.19 -10.65
N ASN B 180 -8.75 30.73 -10.34
CA ASN B 180 -9.73 31.14 -11.37
C ASN B 180 -9.08 32.13 -12.34
N ARG B 181 -8.10 32.91 -11.87
CA ARG B 181 -7.35 33.82 -12.76
C ARG B 181 -6.39 33.04 -13.65
N ILE B 182 -5.80 31.96 -13.14
CA ILE B 182 -4.91 31.10 -13.94
C ILE B 182 -5.75 30.24 -14.89
N ALA B 183 -6.82 29.62 -14.37
CA ALA B 183 -7.70 28.74 -15.17
C ALA B 183 -8.37 29.53 -16.29
N SER B 184 -8.74 30.79 -16.02
CA SER B 184 -9.33 31.67 -17.03
C SER B 184 -8.32 31.98 -18.15
N CYS B 185 -7.03 32.12 -17.79
CA CYS B 185 -5.97 32.39 -18.78
C CYS B 185 -5.70 31.17 -19.64
N LEU B 186 -5.93 29.96 -19.10
CA LEU B 186 -5.82 28.72 -19.92
C LEU B 186 -7.02 28.63 -20.86
N LYS B 187 -8.23 28.77 -20.30
CA LYS B 187 -9.48 28.84 -21.10
C LYS B 187 -9.33 29.91 -22.17
N GLU B 188 -8.79 31.07 -21.80
CA GLU B 188 -8.61 32.20 -22.72
C GLU B 188 -7.51 31.89 -23.74
N HIS B 189 -6.44 31.23 -23.30
CA HIS B 189 -5.35 30.81 -24.21
C HIS B 189 -5.84 29.74 -25.17
N VAL B 190 -6.44 28.67 -24.63
CA VAL B 190 -7.01 27.59 -25.47
C VAL B 190 -8.06 28.16 -26.41
N ALA B 191 -8.71 29.26 -26.03
CA ALA B 191 -9.66 29.98 -26.89
C ALA B 191 -8.96 31.00 -27.78
N ALA B 192 -7.76 31.44 -27.42
CA ALA B 192 -6.98 32.40 -28.21
C ALA B 192 -6.27 31.70 -29.37
N VAL B 193 -6.02 30.40 -29.27
CA VAL B 193 -5.37 29.62 -30.34
C VAL B 193 -6.43 28.98 -31.23
N ALA B 200 -13.51 24.18 -25.54
CA ALA B 200 -14.12 24.04 -24.20
C ALA B 200 -14.24 22.56 -23.83
N SER B 201 -14.45 21.69 -24.82
CA SER B 201 -14.38 20.23 -24.66
C SER B 201 -12.91 19.79 -24.58
N CYS B 202 -12.07 20.35 -25.46
CA CYS B 202 -10.60 20.22 -25.36
C CYS B 202 -10.13 20.62 -23.96
N LEU B 203 -10.63 21.73 -23.44
CA LEU B 203 -10.22 22.25 -22.12
C LEU B 203 -10.66 21.29 -21.01
N SER B 204 -11.88 20.78 -21.08
CA SER B 204 -12.36 19.77 -20.10
C SER B 204 -11.53 18.50 -20.21
N ARG B 205 -11.15 18.11 -21.44
CA ARG B 205 -10.24 16.97 -21.67
C ARG B 205 -8.85 17.29 -21.14
N LEU B 206 -8.49 18.58 -21.10
CA LEU B 206 -7.24 19.02 -20.42
C LEU B 206 -7.36 18.78 -18.92
N LEU B 207 -8.41 19.31 -18.30
CA LEU B 207 -8.55 19.28 -16.82
C LEU B 207 -8.77 17.84 -16.34
N GLY B 208 -9.47 17.03 -17.13
CA GLY B 208 -9.86 15.66 -16.74
C GLY B 208 -8.69 14.75 -16.47
N LYS B 209 -7.45 15.25 -16.60
CA LYS B 209 -6.23 14.47 -16.30
C LYS B 209 -5.89 14.53 -14.81
N LEU B 210 -6.31 15.58 -14.11
CA LEU B 210 -5.98 15.79 -12.69
C LEU B 210 -6.65 14.73 -11.80
N PRO B 211 -7.85 14.22 -12.14
CA PRO B 211 -8.39 13.08 -11.42
C PRO B 211 -7.52 11.83 -11.56
N GLU B 212 -7.01 11.56 -12.75
CA GLU B 212 -6.02 10.48 -12.98
C GLU B 212 -4.74 10.81 -12.22
N LEU B 213 -4.44 12.09 -12.03
CA LEU B 213 -3.22 12.52 -11.31
C LEU B 213 -3.39 12.27 -9.81
N ARG B 214 -4.46 12.79 -9.21
CA ARG B 214 -4.77 12.54 -7.79
C ARG B 214 -4.95 11.05 -7.53
N THR B 215 -5.10 10.23 -8.58
CA THR B 215 -5.06 8.77 -8.47
C THR B 215 -3.61 8.30 -8.44
N LEU B 216 -2.77 8.79 -9.37
CA LEU B 216 -1.38 8.34 -9.47
C LEU B 216 -0.59 8.73 -8.21
N CYS B 217 -0.93 9.85 -7.58
CA CYS B 217 -0.30 10.24 -6.30
C CYS B 217 -0.48 9.13 -5.28
N THR B 218 -1.72 8.65 -5.11
CA THR B 218 -2.04 7.58 -4.15
C THR B 218 -1.17 6.35 -4.45
N GLN B 219 -0.93 6.06 -5.73
CA GLN B 219 0.04 5.02 -6.13
C GLN B 219 1.40 5.34 -5.52
N GLY B 220 1.83 6.60 -5.66
CA GLY B 220 3.11 7.04 -5.08
C GLY B 220 3.18 6.77 -3.59
N LEU B 221 2.11 7.12 -2.87
CA LEU B 221 2.07 6.89 -1.42
C LEU B 221 1.97 5.40 -1.12
N GLN B 222 1.23 4.64 -1.94
CA GLN B 222 1.14 3.17 -1.79
C GLN B 222 2.53 2.56 -1.81
N ARG B 223 3.43 3.08 -2.64
CA ARG B 223 4.81 2.56 -2.75
C ARG B 223 5.63 2.98 -1.53
N ILE B 224 5.53 4.25 -1.12
CA ILE B 224 6.40 4.78 -0.04
C ILE B 224 6.05 4.11 1.29
N PHE B 225 4.77 3.83 1.52
CA PHE B 225 4.32 3.08 2.72
C PHE B 225 5.14 1.80 2.85
N TYR B 226 5.24 1.03 1.77
CA TYR B 226 5.89 -0.29 1.76
C TYR B 226 7.42 -0.17 1.76
N LEU B 227 7.95 1.01 1.42
CA LEU B 227 9.42 1.23 1.39
C LEU B 227 9.95 1.71 2.74
N LYS B 228 9.18 2.52 3.46
CA LYS B 228 9.47 2.81 4.88
C LYS B 228 9.29 1.53 5.69
N LEU B 229 8.24 0.76 5.39
CA LEU B 229 8.05 -0.59 5.95
C LEU B 229 9.31 -1.40 5.71
N GLU B 230 9.48 -1.88 4.46
CA GLU B 230 10.65 -2.66 4.04
CA GLU B 230 10.65 -2.68 4.07
C GLU B 230 11.91 -2.10 4.70
N ASP B 231 12.07 -0.78 4.62
CA ASP B 231 13.15 -0.05 5.33
C ASP B 231 14.52 -0.57 4.89
N LEU B 232 14.70 -0.81 3.59
CA LEU B 232 16.05 -1.04 3.06
C LEU B 232 16.90 0.18 3.36
N VAL B 233 16.49 1.32 2.83
CA VAL B 233 17.05 2.64 3.23
C VAL B 233 15.87 3.48 3.72
N PRO B 234 16.07 4.33 4.75
CA PRO B 234 15.00 5.20 5.22
C PRO B 234 14.90 6.45 4.38
N PRO B 235 13.73 7.12 4.37
CA PRO B 235 13.56 8.32 3.56
C PRO B 235 14.44 9.45 4.08
N PRO B 236 14.90 10.36 3.20
CA PRO B 236 15.43 11.62 3.65
C PRO B 236 14.45 12.28 4.61
N PRO B 237 14.92 13.14 5.53
CA PRO B 237 14.06 13.63 6.60
C PRO B 237 12.84 14.37 6.05
N ILE B 238 13.04 15.20 5.02
CA ILE B 238 11.96 16.07 4.49
C ILE B 238 10.94 15.24 3.73
N ILE B 239 11.35 14.13 3.14
CA ILE B 239 10.38 13.16 2.57
C ILE B 239 9.57 12.55 3.71
N ASP B 240 10.25 12.10 4.76
CA ASP B 240 9.62 11.58 5.99
C ASP B 240 8.50 12.55 6.38
N LYS B 241 8.78 13.85 6.35
CA LYS B 241 7.83 14.90 6.73
C LYS B 241 6.62 14.88 5.80
N ILE B 242 6.83 15.27 4.53
CA ILE B 242 5.75 15.43 3.53
C ILE B 242 4.80 14.25 3.67
N PHE B 243 5.36 13.05 3.70
CA PHE B 243 4.59 11.81 3.88
C PHE B 243 3.66 11.95 5.08
N MET B 244 4.24 12.03 6.29
CA MET B 244 3.48 12.07 7.55
C MET B 244 2.43 13.20 7.51
N ASP B 245 2.79 14.35 6.93
CA ASP B 245 1.94 15.55 6.99
C ASP B 245 0.80 15.49 5.97
N THR B 246 0.99 14.73 4.89
CA THR B 246 -0.08 14.51 3.90
C THR B 246 -0.93 13.30 4.26
N LEU B 247 -0.56 12.56 5.30
CA LEU B 247 -1.39 11.44 5.77
C LEU B 247 -2.62 11.99 6.48
N PRO B 248 -3.84 11.58 6.10
CA PRO B 248 -5.05 11.92 6.85
C PRO B 248 -5.18 11.24 8.22
N PHE B 249 -4.18 10.48 8.67
CA PHE B 249 -4.21 9.70 9.92
C PHE B 249 -2.85 9.77 10.62
O4 E4L C . 5.95 -4.38 -4.60
O3 E4L C . 3.50 0.69 -5.11
O2 E4L C . 0.71 -2.95 -4.04
O1 E4L C . 2.56 -5.57 -4.42
O5 E4L C . 7.15 -4.23 -6.48
C6 E4L C . 0.43 -5.27 -6.92
C3 E4L C . -1.71 -4.82 -4.58
C1 E4L C . -3.38 -3.01 -5.23
C4 E4L C . -1.77 -5.77 -5.74
C2 E4L C . -2.97 -4.07 -4.23
C5 E4L C . -0.41 -6.28 -6.17
C7 E4L C . 1.92 -5.43 -6.69
C8 E4L C . 2.41 -4.85 -5.38
C9 E4L C . 2.71 -3.38 -5.31
C10 E4L C . 1.84 -2.50 -4.64
C11 E4L C . 2.10 -1.15 -4.58
C12 E4L C . 3.24 -0.65 -5.17
C13 E4L C . 4.12 -1.50 -5.85
C14 E4L C . 3.87 -2.86 -5.93
C15 E4L C . 4.86 -3.76 -6.65
C16 E4L C . 6.02 -4.17 -5.78
C17 E4L C . 7.61 -5.53 -6.94
C18 E4L C . 7.62 -6.50 -5.82
#